data_7U9W
#
_entry.id   7U9W
#
_cell.length_a   107.800
_cell.length_b   129.820
_cell.length_c   73.550
_cell.angle_alpha   90.000
_cell.angle_beta   90.000
_cell.angle_gamma   90.000
#
_symmetry.space_group_name_H-M   'C 2 2 21'
#
loop_
_entity.id
_entity.type
_entity.pdbx_description
1 polymer 'Gametocyte surface protein P230'
2 polymer 230AS-88
3 water water
#
loop_
_entity_poly.entity_id
_entity_poly.type
_entity_poly.pdbx_seq_one_letter_code
_entity_poly.pdbx_strand_id
1 'polypeptide(L)'
;SVLQSGALPSVGVDELDKIDLSYETTESGDTAVSEDSYDKYASQNTNKEYVCDFTDQLKPTESGPKVKKCEVKVNEPLIK
VKIICPLKGSVEKLYDNIEYVPKKSPYVVLTKEETKLKEKLLSKLIYGLLISPTVNEKENNFKEGVIEFTLPPVVHKATV
FYFICDNSKTEDDNKKGNRGIVEVYVEPYGN
;
A
2 'polypeptide(L)'
;TGEVQLVESGGGLVKPGGSLRLSCAASGFNFISSYISWVRQAPGKGPEWVSSITSTSTDIHYADSVKGRFTISRDNAKAS
LFLQMNSLRVEDTGVYYCARRYCRGGTCYLFDHWGQGTPVIVSSGGGGSGGGGSGGGGSGGGGSDIQMTQSPSSVSASVG
DRVTITCRASQAISSWLAWYQQKPGKAPKLLIYGASSLESGVPSRFSGSGSGTDFTLTINSLQPEDFATYYCQQAARFPI
TFGQGTRLEIKGTHHHHHH
;
H
#
# COMPACT_ATOMS: atom_id res chain seq x y z
N LEU A 21 -14.76 -19.67 -5.33
CA LEU A 21 -15.00 -19.67 -3.88
C LEU A 21 -14.56 -21.00 -3.26
N SER A 22 -15.35 -21.50 -2.32
CA SER A 22 -15.08 -22.78 -1.67
C SER A 22 -13.80 -22.74 -0.83
N TYR A 23 -13.44 -21.56 -0.34
CA TYR A 23 -12.32 -21.42 0.59
C TYR A 23 -12.79 -21.77 2.01
N GLU A 24 -11.90 -22.38 2.78
CA GLU A 24 -12.24 -22.88 4.10
C GLU A 24 -11.19 -22.44 5.11
N THR A 25 -11.65 -21.89 6.23
CA THR A 25 -10.80 -21.56 7.36
C THR A 25 -11.66 -21.59 8.63
N THR A 26 -11.09 -21.16 9.75
CA THR A 26 -11.80 -21.15 11.01
C THR A 26 -11.53 -19.83 11.74
N GLU A 27 -12.35 -19.57 12.77
CA GLU A 27 -12.16 -18.35 13.56
C GLU A 27 -10.78 -18.31 14.19
N SER A 28 -10.40 -19.40 14.87
CA SER A 28 -9.11 -19.41 15.57
C SER A 28 -7.95 -19.51 14.58
N GLY A 29 -8.07 -20.37 13.58
CA GLY A 29 -7.00 -20.50 12.61
C GLY A 29 -5.71 -20.94 13.28
N ASP A 30 -4.63 -20.24 12.97
CA ASP A 30 -3.31 -20.56 13.50
C ASP A 30 -3.00 -19.84 14.81
N THR A 31 -3.87 -18.94 15.26
CA THR A 31 -3.59 -18.20 16.48
C THR A 31 -3.51 -19.12 17.69
N ALA A 32 -4.20 -20.26 17.65
CA ALA A 32 -4.25 -21.18 18.79
C ALA A 32 -4.88 -20.49 20.00
N VAL A 33 -6.06 -19.92 19.78
CA VAL A 33 -6.74 -19.09 20.79
C VAL A 33 -8.18 -19.58 20.93
N SER A 34 -8.72 -19.42 22.12
CA SER A 34 -10.09 -19.82 22.44
C SER A 34 -11.01 -18.60 22.45
N GLU A 35 -12.31 -18.88 22.39
CA GLU A 35 -13.28 -17.79 22.34
C GLU A 35 -13.30 -16.98 23.63
N ASP A 36 -12.99 -17.62 24.76
CA ASP A 36 -12.90 -16.88 26.01
C ASP A 36 -11.68 -15.96 26.03
N SER A 37 -10.62 -16.33 25.30
CA SER A 37 -9.42 -15.52 25.23
C SER A 37 -9.54 -14.36 24.26
N TYR A 38 -10.55 -14.35 23.39
CA TYR A 38 -10.76 -13.22 22.50
C TYR A 38 -10.93 -11.94 23.30
N ASP A 39 -10.63 -10.81 22.66
CA ASP A 39 -10.89 -9.48 23.21
C ASP A 39 -12.07 -8.92 22.41
N LYS A 40 -13.28 -9.07 22.97
CA LYS A 40 -14.50 -8.76 22.24
C LYS A 40 -14.97 -7.34 22.55
N TYR A 41 -15.32 -6.60 21.49
CA TYR A 41 -15.87 -5.26 21.62
C TYR A 41 -16.96 -5.08 20.57
N ALA A 42 -17.81 -4.09 20.80
CA ALA A 42 -18.93 -3.81 19.90
C ALA A 42 -18.53 -2.75 18.88
N SER A 43 -19.34 -2.63 17.83
CA SER A 43 -19.06 -1.67 16.78
C SER A 43 -19.37 -0.25 17.26
N GLN A 44 -18.63 0.71 16.69
CA GLN A 44 -18.84 2.13 16.99
C GLN A 44 -20.02 2.60 16.15
N ASN A 45 -21.23 2.38 16.69
CA ASN A 45 -22.45 2.73 15.97
C ASN A 45 -22.55 4.24 15.81
N THR A 46 -22.86 4.68 14.58
CA THR A 46 -22.91 6.10 14.23
C THR A 46 -24.23 6.38 13.49
N ASN A 47 -25.33 6.37 14.25
CA ASN A 47 -26.66 6.62 13.71
C ASN A 47 -27.01 5.45 12.78
N LYS A 48 -27.29 5.71 11.50
CA LYS A 48 -27.69 4.61 10.62
C LYS A 48 -26.52 3.68 10.28
N GLU A 49 -25.29 4.18 10.34
CA GLU A 49 -24.11 3.44 9.90
C GLU A 49 -23.34 2.93 11.11
N TYR A 50 -23.23 1.60 11.22
CA TYR A 50 -22.35 0.98 12.19
C TYR A 50 -20.99 0.73 11.55
N VAL A 51 -19.94 0.82 12.36
CA VAL A 51 -18.57 0.74 11.85
C VAL A 51 -17.73 -0.16 12.75
N CYS A 52 -16.85 -0.94 12.13
CA CYS A 52 -15.84 -1.74 12.82
C CYS A 52 -14.49 -1.38 12.20
N ASP A 53 -13.67 -0.66 12.96
CA ASP A 53 -12.38 -0.18 12.46
C ASP A 53 -11.24 -0.95 13.12
N PHE A 54 -10.36 -1.51 12.29
CA PHE A 54 -9.19 -2.25 12.77
C PHE A 54 -7.89 -1.48 12.52
N THR A 55 -7.96 -0.18 12.24
CA THR A 55 -6.78 0.57 11.86
C THR A 55 -5.69 0.46 12.92
N ASP A 56 -6.06 0.64 14.19
CA ASP A 56 -5.10 0.60 15.29
C ASP A 56 -5.19 -0.66 16.12
N GLN A 57 -6.14 -1.56 15.83
CA GLN A 57 -6.33 -2.76 16.63
C GLN A 57 -5.42 -3.91 16.24
N LEU A 58 -4.81 -3.87 15.05
CA LEU A 58 -4.07 -5.01 14.53
C LEU A 58 -2.57 -4.78 14.44
N LYS A 59 -2.06 -3.64 14.91
CA LYS A 59 -0.63 -3.40 14.87
C LYS A 59 0.09 -4.47 15.68
N PRO A 60 1.29 -4.88 15.26
CA PRO A 60 2.01 -5.93 16.01
C PRO A 60 2.33 -5.48 17.43
N THR A 61 1.95 -6.30 18.39
CA THR A 61 2.26 -6.10 19.81
C THR A 61 3.27 -7.16 20.26
N GLU A 62 3.87 -6.91 21.42
CA GLU A 62 4.78 -7.90 21.98
C GLU A 62 4.02 -9.12 22.51
N SER A 63 2.82 -8.91 23.03
CA SER A 63 1.99 -9.99 23.54
C SER A 63 1.17 -10.69 22.46
N GLY A 64 1.43 -10.38 21.19
CA GLY A 64 0.68 -10.98 20.11
C GLY A 64 0.98 -12.45 19.95
N PRO A 65 0.21 -13.14 19.10
CA PRO A 65 -0.93 -12.59 18.36
C PRO A 65 -2.25 -12.65 19.12
N LYS A 66 -2.82 -11.49 19.43
CA LYS A 66 -4.12 -11.43 20.08
C LYS A 66 -5.22 -11.66 19.05
N VAL A 67 -6.48 -11.57 19.50
CA VAL A 67 -7.64 -11.76 18.63
C VAL A 67 -8.66 -10.69 18.97
N LYS A 68 -9.01 -9.85 18.01
CA LYS A 68 -9.99 -8.78 18.18
C LYS A 68 -11.26 -9.18 17.45
N LYS A 69 -12.38 -9.18 18.17
CA LYS A 69 -13.67 -9.59 17.63
C LYS A 69 -14.63 -8.41 17.73
N CYS A 70 -15.04 -7.89 16.58
CA CYS A 70 -15.99 -6.78 16.50
C CYS A 70 -17.38 -7.34 16.20
N GLU A 71 -18.32 -7.07 17.09
CA GLU A 71 -19.66 -7.63 17.00
C GLU A 71 -20.63 -6.55 16.53
N VAL A 72 -21.23 -6.78 15.36
CA VAL A 72 -22.23 -5.89 14.79
C VAL A 72 -23.59 -6.55 14.95
N LYS A 73 -24.49 -5.90 15.69
CA LYS A 73 -25.81 -6.43 15.98
C LYS A 73 -26.85 -5.47 15.41
N VAL A 74 -27.45 -5.86 14.29
CA VAL A 74 -28.45 -5.05 13.60
C VAL A 74 -29.83 -5.57 13.96
N ASN A 75 -30.61 -4.73 14.65
CA ASN A 75 -31.98 -5.07 15.03
C ASN A 75 -32.99 -4.08 14.48
N GLU A 76 -32.60 -3.29 13.48
CA GLU A 76 -33.47 -2.27 12.89
C GLU A 76 -33.18 -2.17 11.41
N PRO A 77 -34.06 -1.53 10.65
CA PRO A 77 -33.94 -1.56 9.18
C PRO A 77 -32.93 -0.57 8.64
N LEU A 78 -32.48 -0.86 7.42
CA LEU A 78 -31.63 0.04 6.64
C LEU A 78 -30.44 0.53 7.45
N ILE A 79 -29.60 -0.43 7.84
CA ILE A 79 -28.36 -0.15 8.57
C ILE A 79 -27.21 -0.41 7.62
N LYS A 80 -26.38 0.61 7.42
CA LYS A 80 -25.16 0.48 6.62
C LYS A 80 -24.03 -0.02 7.51
N VAL A 81 -23.28 -1.00 7.02
CA VAL A 81 -22.17 -1.60 7.76
C VAL A 81 -20.87 -1.27 7.02
N LYS A 82 -19.92 -0.68 7.73
CA LYS A 82 -18.65 -0.26 7.18
C LYS A 82 -17.52 -0.92 7.98
N ILE A 83 -16.57 -1.52 7.28
CA ILE A 83 -15.48 -2.26 7.90
C ILE A 83 -14.16 -1.73 7.36
N ILE A 84 -13.30 -1.27 8.26
CA ILE A 84 -12.01 -0.71 7.90
C ILE A 84 -10.93 -1.74 8.18
N CYS A 85 -10.13 -2.05 7.17
CA CYS A 85 -9.02 -3.01 7.29
C CYS A 85 -7.78 -2.36 6.68
N PRO A 86 -6.75 -2.06 7.48
CA PRO A 86 -5.57 -1.40 6.92
C PRO A 86 -4.93 -2.24 5.83
N LEU A 87 -4.21 -1.58 4.95
CA LEU A 87 -3.67 -2.20 3.75
C LEU A 87 -2.17 -2.49 3.88
N LYS A 88 -1.69 -3.34 2.98
CA LYS A 88 -0.27 -3.60 2.83
C LYS A 88 0.45 -2.31 2.49
N GLY A 89 1.23 -1.78 3.43
CA GLY A 89 2.03 -0.61 3.19
C GLY A 89 1.43 0.70 3.65
N SER A 90 0.17 0.71 4.09
CA SER A 90 -0.40 1.92 4.66
C SER A 90 0.56 2.50 5.71
N VAL A 91 1.06 1.65 6.59
CA VAL A 91 2.24 1.90 7.39
C VAL A 91 3.25 0.82 7.02
N GLU A 92 4.52 1.11 7.25
CA GLU A 92 5.59 0.27 6.74
C GLU A 92 5.93 -0.84 7.74
N LYS A 93 5.98 -2.07 7.23
CA LYS A 93 6.45 -3.27 7.91
C LYS A 93 5.38 -3.88 8.83
N LEU A 94 4.30 -3.17 9.13
CA LEU A 94 3.35 -3.60 10.15
C LEU A 94 2.11 -4.29 9.60
N TYR A 95 1.96 -4.35 8.27
CA TYR A 95 0.84 -5.04 7.66
C TYR A 95 1.28 -5.80 6.41
N ASP A 96 2.50 -6.34 6.42
CA ASP A 96 3.05 -6.92 5.21
C ASP A 96 2.31 -8.18 4.81
N ASN A 97 2.14 -9.12 5.74
CA ASN A 97 1.47 -10.39 5.46
C ASN A 97 0.00 -10.36 5.85
N ILE A 98 -0.66 -9.23 5.65
CA ILE A 98 -2.06 -9.08 6.03
C ILE A 98 -2.94 -9.79 5.02
N GLU A 99 -4.00 -10.42 5.51
CA GLU A 99 -4.95 -11.13 4.65
C GLU A 99 -6.36 -10.80 5.12
N TYR A 100 -7.24 -10.53 4.15
CA TYR A 100 -8.66 -10.31 4.42
C TYR A 100 -9.47 -11.42 3.76
N VAL A 101 -10.46 -11.93 4.49
CA VAL A 101 -11.29 -13.03 4.00
C VAL A 101 -12.75 -12.72 4.31
N PRO A 102 -13.69 -12.94 3.37
CA PRO A 102 -13.47 -13.38 2.00
C PRO A 102 -12.89 -12.28 1.10
N LYS A 103 -12.08 -12.68 0.12
CA LYS A 103 -11.43 -11.70 -0.75
C LYS A 103 -12.43 -10.90 -1.58
N LYS A 104 -13.62 -11.44 -1.83
CA LYS A 104 -14.65 -10.76 -2.61
C LYS A 104 -15.72 -10.13 -1.74
N SER A 105 -15.39 -9.79 -0.49
CA SER A 105 -16.30 -9.06 0.36
C SER A 105 -16.64 -7.71 -0.27
N PRO A 106 -17.82 -7.15 0.03
CA PRO A 106 -18.85 -7.73 0.90
C PRO A 106 -19.79 -8.70 0.17
N TYR A 107 -19.57 -8.88 -1.13
CA TYR A 107 -20.45 -9.76 -1.90
C TYR A 107 -20.35 -11.21 -1.45
N VAL A 108 -19.27 -11.57 -0.76
CA VAL A 108 -19.10 -12.91 -0.21
C VAL A 108 -18.78 -12.76 1.27
N VAL A 109 -19.41 -13.61 2.09
CA VAL A 109 -19.21 -13.57 3.54
C VAL A 109 -18.84 -14.96 4.02
N LEU A 110 -18.78 -15.14 5.34
CA LEU A 110 -18.46 -16.41 5.96
C LEU A 110 -19.59 -16.81 6.92
N THR A 111 -20.09 -18.02 6.75
CA THR A 111 -21.13 -18.58 7.60
C THR A 111 -20.59 -19.76 8.39
N LYS A 112 -21.28 -20.10 9.47
CA LYS A 112 -20.90 -21.22 10.32
C LYS A 112 -21.65 -22.46 9.84
N GLU A 113 -20.98 -23.30 9.04
CA GLU A 113 -21.50 -24.58 8.60
C GLU A 113 -20.72 -25.67 9.33
N GLU A 114 -21.42 -26.52 10.07
CA GLU A 114 -20.78 -27.47 10.98
C GLU A 114 -20.05 -26.60 12.01
N THR A 115 -18.75 -26.81 12.24
CA THR A 115 -17.95 -25.90 13.04
C THR A 115 -16.87 -25.21 12.21
N LYS A 116 -16.80 -25.48 10.92
CA LYS A 116 -15.85 -24.85 10.02
C LYS A 116 -16.53 -23.77 9.20
N LEU A 117 -15.86 -22.65 9.03
CA LEU A 117 -16.40 -21.54 8.25
C LEU A 117 -16.28 -21.83 6.76
N LYS A 118 -17.30 -21.43 6.01
CA LYS A 118 -17.29 -21.58 4.55
C LYS A 118 -17.78 -20.28 3.93
N GLU A 119 -17.56 -20.15 2.63
CA GLU A 119 -17.93 -18.94 1.90
C GLU A 119 -19.33 -19.06 1.33
N LYS A 120 -20.07 -17.94 1.38
CA LYS A 120 -21.40 -17.87 0.82
C LYS A 120 -21.64 -16.47 0.25
N LEU A 121 -22.35 -16.40 -0.86
CA LEU A 121 -22.78 -15.11 -1.40
C LEU A 121 -23.79 -14.48 -0.45
N LEU A 122 -23.56 -13.20 -0.12
CA LEU A 122 -24.40 -12.55 0.88
C LEU A 122 -25.81 -12.31 0.37
N SER A 123 -25.98 -12.16 -0.94
CA SER A 123 -27.32 -11.92 -1.49
C SER A 123 -28.23 -13.12 -1.28
N LYS A 124 -27.68 -14.34 -1.32
CA LYS A 124 -28.47 -15.52 -0.96
C LYS A 124 -28.92 -15.45 0.49
N LEU A 125 -28.01 -15.06 1.39
CA LEU A 125 -28.35 -15.00 2.80
C LEU A 125 -29.46 -13.99 3.06
N ILE A 126 -29.27 -12.76 2.60
CA ILE A 126 -30.21 -11.67 2.84
C ILE A 126 -30.68 -11.12 1.50
N TYR A 127 -31.99 -10.99 1.35
CA TYR A 127 -32.62 -10.63 0.09
C TYR A 127 -33.05 -9.18 0.11
N GLY A 128 -32.81 -8.49 -1.00
CA GLY A 128 -32.94 -7.05 -1.04
C GLY A 128 -31.70 -6.31 -0.57
N LEU A 129 -30.69 -7.02 -0.11
CA LEU A 129 -29.45 -6.38 0.31
C LEU A 129 -28.86 -5.59 -0.86
N LEU A 130 -28.29 -4.43 -0.53
CA LEU A 130 -27.80 -3.48 -1.53
C LEU A 130 -26.34 -3.17 -1.25
N ILE A 131 -25.47 -3.53 -2.19
CA ILE A 131 -24.04 -3.28 -2.10
C ILE A 131 -23.68 -2.25 -3.16
N SER A 132 -23.19 -1.10 -2.71
CA SER A 132 -22.78 -0.06 -3.65
C SER A 132 -21.52 -0.49 -4.39
N PRO A 133 -21.46 -0.29 -5.72
CA PRO A 133 -20.25 -0.70 -6.44
C PRO A 133 -19.00 0.04 -5.98
N THR A 134 -19.14 1.32 -5.65
CA THR A 134 -18.02 2.16 -5.25
C THR A 134 -18.25 2.71 -3.85
N VAL A 135 -17.14 2.99 -3.17
CA VAL A 135 -17.14 3.59 -1.84
C VAL A 135 -16.16 4.77 -1.89
N ASN A 136 -16.68 5.99 -1.85
CA ASN A 136 -15.86 7.18 -1.98
C ASN A 136 -15.11 7.20 -3.31
N GLU A 137 -15.83 6.83 -4.37
CA GLU A 137 -15.39 6.85 -5.77
C GLU A 137 -14.43 5.71 -6.10
N LYS A 138 -14.09 4.85 -5.15
CA LYS A 138 -13.25 3.70 -5.41
C LYS A 138 -14.00 2.41 -5.08
N GLU A 139 -13.50 1.30 -5.62
CA GLU A 139 -14.23 0.04 -5.58
C GLU A 139 -14.58 -0.34 -4.14
N ASN A 140 -15.73 -1.00 -4.00
CA ASN A 140 -16.18 -1.53 -2.71
C ASN A 140 -15.51 -2.89 -2.52
N ASN A 141 -14.31 -2.87 -1.95
CA ASN A 141 -13.53 -4.08 -1.78
C ASN A 141 -12.45 -3.82 -0.74
N PHE A 142 -12.15 -4.84 0.07
CA PHE A 142 -11.12 -4.71 1.09
C PHE A 142 -9.78 -4.30 0.50
N LYS A 143 -9.56 -4.52 -0.80
CA LYS A 143 -8.30 -4.14 -1.42
C LYS A 143 -8.09 -2.64 -1.40
N GLU A 144 -9.16 -1.86 -1.26
CA GLU A 144 -9.08 -0.40 -1.21
C GLU A 144 -9.33 0.14 0.20
N GLY A 145 -9.23 -0.71 1.21
CA GLY A 145 -9.30 -0.24 2.59
C GLY A 145 -10.59 -0.55 3.32
N VAL A 146 -11.72 -0.43 2.64
CA VAL A 146 -13.02 -0.48 3.31
C VAL A 146 -14.05 -1.17 2.42
N ILE A 147 -15.06 -1.76 3.07
CA ILE A 147 -16.20 -2.36 2.39
C ILE A 147 -17.48 -1.86 3.07
N GLU A 148 -18.55 -1.77 2.29
CA GLU A 148 -19.83 -1.31 2.79
C GLU A 148 -20.97 -2.11 2.19
N PHE A 149 -22.02 -2.31 2.98
CA PHE A 149 -23.26 -2.91 2.49
C PHE A 149 -24.42 -2.39 3.32
N THR A 150 -25.57 -2.21 2.67
CA THR A 150 -26.76 -1.64 3.29
C THR A 150 -27.81 -2.74 3.41
N LEU A 151 -28.14 -3.11 4.64
CA LEU A 151 -29.12 -4.17 4.87
C LEU A 151 -30.50 -3.71 4.42
N PRO A 152 -31.35 -4.63 3.97
CA PRO A 152 -32.65 -4.25 3.43
C PRO A 152 -33.60 -3.83 4.53
N PRO A 153 -34.81 -3.38 4.17
CA PRO A 153 -35.80 -3.02 5.19
C PRO A 153 -36.51 -4.19 5.82
N VAL A 154 -36.34 -5.40 5.31
CA VAL A 154 -37.02 -6.59 5.84
C VAL A 154 -36.04 -7.75 5.83
N VAL A 155 -35.79 -8.32 7.01
CA VAL A 155 -35.05 -9.56 7.16
C VAL A 155 -35.97 -10.57 7.85
N HIS A 156 -36.17 -11.73 7.22
CA HIS A 156 -37.20 -12.65 7.67
C HIS A 156 -36.73 -13.59 8.78
N LYS A 157 -35.46 -13.98 8.80
CA LYS A 157 -34.97 -14.90 9.81
C LYS A 157 -33.54 -14.53 10.19
N ALA A 158 -33.22 -14.75 11.46
CA ALA A 158 -31.92 -14.34 11.99
C ALA A 158 -30.79 -14.95 11.17
N THR A 159 -29.83 -14.10 10.79
CA THR A 159 -28.67 -14.50 10.01
C THR A 159 -27.40 -14.04 10.69
N VAL A 160 -26.35 -14.85 10.59
CA VAL A 160 -25.04 -14.50 11.11
C VAL A 160 -24.01 -14.77 10.03
N PHE A 161 -23.11 -13.81 9.80
CA PHE A 161 -22.01 -14.01 8.88
C PHE A 161 -20.81 -13.21 9.38
N TYR A 162 -19.62 -13.66 8.98
CA TYR A 162 -18.37 -13.13 9.51
C TYR A 162 -17.50 -12.59 8.39
N PHE A 163 -16.68 -11.60 8.72
CA PHE A 163 -15.57 -11.14 7.90
C PHE A 163 -14.28 -11.36 8.69
N ILE A 164 -13.16 -11.34 7.97
CA ILE A 164 -11.85 -11.54 8.59
C ILE A 164 -10.86 -10.55 8.00
N CYS A 165 -10.13 -9.86 8.88
CA CYS A 165 -9.05 -8.93 8.53
C CYS A 165 -7.88 -9.34 9.42
N ASP A 166 -7.06 -10.28 8.94
CA ASP A 166 -6.10 -10.99 9.77
C ASP A 166 -4.69 -10.54 9.46
N ASN A 167 -4.02 -9.95 10.45
CA ASN A 167 -2.62 -9.55 10.37
C ASN A 167 -1.76 -10.38 11.31
N SER A 168 -2.16 -11.62 11.57
CA SER A 168 -1.47 -12.43 12.57
C SER A 168 -0.11 -12.92 12.07
N LYS A 169 0.03 -13.13 10.76
CA LYS A 169 1.27 -13.67 10.20
C LYS A 169 2.32 -12.60 9.95
N THR A 170 2.06 -11.34 10.30
CA THR A 170 3.01 -10.26 10.12
C THR A 170 3.92 -10.20 11.35
N GLU A 171 5.23 -10.30 11.11
CA GLU A 171 6.23 -10.33 12.18
C GLU A 171 7.13 -9.12 12.06
N ASP A 172 7.30 -8.40 13.18
CA ASP A 172 8.22 -7.28 13.29
C ASP A 172 9.00 -7.44 14.57
N ASP A 173 10.31 -7.68 14.46
CA ASP A 173 11.18 -7.95 15.60
C ASP A 173 10.57 -9.12 16.36
N ASN A 174 10.22 -8.96 17.64
CA ASN A 174 9.55 -10.01 18.40
C ASN A 174 8.04 -9.87 18.39
N LYS A 175 7.51 -8.78 17.84
CA LYS A 175 6.08 -8.52 17.86
C LYS A 175 5.37 -9.30 16.75
N LYS A 176 4.07 -9.51 16.94
CA LYS A 176 3.24 -10.21 15.97
C LYS A 176 1.86 -9.57 15.94
N GLY A 177 1.31 -9.43 14.74
CA GLY A 177 0.02 -8.78 14.58
C GLY A 177 -1.13 -9.58 15.15
N ASN A 178 -2.30 -8.95 15.14
CA ASN A 178 -3.52 -9.53 15.67
C ASN A 178 -4.42 -10.00 14.53
N ARG A 179 -5.41 -10.82 14.88
CA ARG A 179 -6.41 -11.30 13.95
C ARG A 179 -7.72 -10.59 14.24
N GLY A 180 -8.28 -9.94 13.22
CA GLY A 180 -9.53 -9.19 13.35
C GLY A 180 -10.68 -10.01 12.82
N ILE A 181 -11.77 -10.03 13.58
CA ILE A 181 -12.99 -10.75 13.23
C ILE A 181 -14.16 -9.81 13.32
N VAL A 182 -15.05 -9.86 12.33
CA VAL A 182 -16.26 -9.03 12.30
C VAL A 182 -17.44 -9.98 12.28
N GLU A 183 -18.18 -10.03 13.38
CA GLU A 183 -19.41 -10.81 13.46
C GLU A 183 -20.60 -9.91 13.21
N VAL A 184 -21.44 -10.28 12.25
CA VAL A 184 -22.63 -9.52 11.89
C VAL A 184 -23.83 -10.39 12.22
N TYR A 185 -24.46 -10.14 13.36
CA TYR A 185 -25.63 -10.88 13.81
C TYR A 185 -26.86 -10.03 13.52
N VAL A 186 -27.61 -10.41 12.48
CA VAL A 186 -28.80 -9.70 12.06
C VAL A 186 -30.01 -10.44 12.63
N GLU A 187 -30.85 -9.75 13.38
CA GLU A 187 -32.07 -10.32 13.93
C GLU A 187 -33.26 -9.95 13.06
N PRO A 188 -34.35 -10.70 13.15
CA PRO A 188 -35.51 -10.43 12.29
C PRO A 188 -36.10 -9.06 12.57
N TYR A 189 -36.33 -8.30 11.51
CA TYR A 189 -36.99 -7.01 11.60
C TYR A 189 -37.86 -6.81 10.36
N GLY A 190 -38.97 -6.10 10.55
CA GLY A 190 -39.94 -5.92 9.49
C GLY A 190 -41.08 -6.90 9.61
N ASN A 191 -42.06 -6.73 8.72
CA ASN A 191 -43.26 -7.56 8.73
C ASN A 191 -43.20 -8.60 7.62
N GLU B 3 -3.98 20.78 -7.90
CA GLU B 3 -2.60 21.23 -8.20
C GLU B 3 -1.63 20.73 -7.14
N VAL B 4 -1.48 19.41 -7.04
CA VAL B 4 -0.57 18.83 -6.07
C VAL B 4 0.85 19.27 -6.38
N GLN B 5 1.55 19.78 -5.38
CA GLN B 5 2.90 20.31 -5.55
C GLN B 5 3.77 19.94 -4.36
N LEU B 6 4.93 19.36 -4.64
CA LEU B 6 5.95 19.05 -3.64
C LEU B 6 7.25 19.68 -4.11
N VAL B 7 7.84 20.53 -3.27
CA VAL B 7 9.05 21.27 -3.62
C VAL B 7 10.13 20.95 -2.60
N GLU B 8 11.30 20.53 -3.08
CA GLU B 8 12.42 20.22 -2.22
C GLU B 8 13.37 21.41 -2.13
N SER B 9 14.04 21.53 -0.98
CA SER B 9 15.02 22.58 -0.77
C SER B 9 16.06 22.08 0.21
N GLY B 10 17.18 22.79 0.26
CA GLY B 10 18.27 22.46 1.16
C GLY B 10 19.46 21.79 0.51
N GLY B 11 19.33 21.36 -0.73
CA GLY B 11 20.44 20.71 -1.40
C GLY B 11 21.67 21.59 -1.41
N GLY B 12 22.84 20.95 -1.50
CA GLY B 12 24.08 21.68 -1.50
C GLY B 12 25.26 20.75 -1.61
N LEU B 13 26.44 21.30 -1.33
CA LEU B 13 27.70 20.56 -1.34
C LEU B 13 28.25 20.54 0.07
N VAL B 14 28.69 19.36 0.51
CA VAL B 14 29.26 19.17 1.84
C VAL B 14 30.37 18.16 1.74
N LYS B 15 31.22 18.13 2.74
CA LYS B 15 32.33 17.20 2.80
C LYS B 15 31.96 15.98 3.62
N PRO B 16 32.62 14.85 3.37
CA PRO B 16 32.34 13.65 4.17
C PRO B 16 32.45 13.94 5.66
N GLY B 17 31.46 13.49 6.41
CA GLY B 17 31.34 13.81 7.81
C GLY B 17 30.50 15.02 8.10
N GLY B 18 30.13 15.80 7.09
CA GLY B 18 29.37 17.01 7.29
C GLY B 18 27.89 16.75 7.50
N SER B 19 27.13 17.84 7.58
CA SER B 19 25.71 17.79 7.85
C SER B 19 24.96 18.65 6.85
N LEU B 20 23.67 18.33 6.69
CA LEU B 20 22.78 19.10 5.82
C LEU B 20 21.36 18.80 6.26
N ARG B 21 20.45 19.70 5.89
CA ARG B 21 19.05 19.58 6.29
C ARG B 21 18.16 19.88 5.10
N LEU B 22 17.34 18.90 4.72
CA LEU B 22 16.41 19.05 3.61
C LEU B 22 15.01 19.39 4.13
N SER B 23 14.22 20.01 3.26
CA SER B 23 12.86 20.38 3.57
C SER B 23 12.00 20.23 2.32
N CYS B 24 10.76 19.80 2.54
CA CYS B 24 9.80 19.55 1.45
C CYS B 24 8.55 20.37 1.75
N ALA B 25 8.15 21.21 0.81
CA ALA B 25 6.95 22.02 0.94
C ALA B 25 5.82 21.41 0.13
N ALA B 26 4.64 21.29 0.74
CA ALA B 26 3.50 20.63 0.12
C ALA B 26 2.36 21.63 -0.06
N SER B 27 1.63 21.47 -1.17
CA SER B 27 0.46 22.30 -1.43
C SER B 27 -0.45 21.56 -2.40
N GLY B 28 -1.76 21.81 -2.26
CA GLY B 28 -2.74 21.23 -3.15
C GLY B 28 -3.37 19.93 -2.68
N PHE B 29 -3.15 19.53 -1.43
CA PHE B 29 -3.75 18.31 -0.91
C PHE B 29 -3.70 18.37 0.61
N ASN B 30 -4.43 17.45 1.24
CA ASN B 30 -4.50 17.39 2.69
C ASN B 30 -3.22 16.77 3.22
N PHE B 31 -2.30 17.62 3.69
CA PHE B 31 -1.04 17.13 4.21
C PHE B 31 -1.23 16.29 5.46
N ILE B 32 -2.29 16.57 6.22
CA ILE B 32 -2.49 15.89 7.50
C ILE B 32 -2.84 14.42 7.28
N SER B 33 -3.42 14.08 6.13
CA SER B 33 -3.81 12.71 5.84
C SER B 33 -2.89 12.03 4.83
N SER B 34 -1.74 12.63 4.54
CA SER B 34 -0.83 12.12 3.53
C SER B 34 0.32 11.36 4.16
N TYR B 35 0.81 10.36 3.44
CA TYR B 35 2.00 9.59 3.82
C TYR B 35 3.11 9.98 2.85
N ILE B 36 4.13 10.66 3.35
CA ILE B 36 5.21 11.18 2.53
C ILE B 36 6.51 10.50 2.93
N SER B 37 7.29 10.09 1.93
CA SER B 37 8.58 9.47 2.14
C SER B 37 9.67 10.28 1.44
N TRP B 38 10.90 10.10 1.89
CA TRP B 38 12.07 10.61 1.21
C TRP B 38 12.66 9.50 0.35
N VAL B 39 12.97 9.81 -0.90
CA VAL B 39 13.52 8.85 -1.84
C VAL B 39 14.67 9.52 -2.58
N ARG B 40 15.83 8.89 -2.59
CA ARG B 40 17.01 9.43 -3.24
C ARG B 40 17.39 8.55 -4.42
N GLN B 41 18.02 9.18 -5.41
CA GLN B 41 18.52 8.47 -6.59
C GLN B 41 19.97 8.90 -6.81
N ALA B 42 20.90 8.02 -6.50
CA ALA B 42 22.32 8.30 -6.68
C ALA B 42 22.68 8.22 -8.15
N PRO B 43 23.87 8.68 -8.53
CA PRO B 43 24.28 8.61 -9.94
C PRO B 43 24.33 7.17 -10.42
N GLY B 44 23.74 6.92 -11.59
CA GLY B 44 23.82 5.61 -12.20
C GLY B 44 23.04 4.52 -11.50
N LYS B 45 22.15 4.88 -10.57
CA LYS B 45 21.37 3.91 -9.82
C LYS B 45 19.90 4.30 -9.87
N GLY B 46 19.04 3.32 -9.63
CA GLY B 46 17.63 3.57 -9.51
C GLY B 46 17.28 4.15 -8.16
N PRO B 47 16.02 4.54 -7.99
CA PRO B 47 15.60 5.15 -6.73
C PRO B 47 15.83 4.22 -5.55
N GLU B 48 16.00 4.82 -4.37
CA GLU B 48 16.24 4.10 -3.13
C GLU B 48 15.45 4.78 -2.03
N TRP B 49 14.52 4.05 -1.42
CA TRP B 49 13.76 4.58 -0.30
C TRP B 49 14.68 4.84 0.89
N VAL B 50 14.51 6.00 1.52
CA VAL B 50 15.37 6.44 2.61
C VAL B 50 14.63 6.47 3.94
N SER B 51 13.48 7.13 3.97
CA SER B 51 12.79 7.35 5.23
C SER B 51 11.34 7.73 4.98
N SER B 52 10.51 7.52 6.00
CA SER B 52 9.10 7.88 5.95
C SER B 52 8.63 8.17 7.37
N ILE B 53 7.51 8.88 7.47
CA ILE B 53 6.93 9.27 8.75
C ILE B 53 5.42 9.34 8.61
N THR B 54 4.71 8.74 9.56
CA THR B 54 3.26 8.83 9.55
C THR B 54 2.82 10.27 9.82
N SER B 55 1.56 10.57 9.46
CA SER B 55 1.06 11.92 9.62
C SER B 55 1.01 12.34 11.09
N THR B 56 0.75 11.40 12.00
CA THR B 56 0.74 11.70 13.42
C THR B 56 2.12 11.79 14.03
N SER B 57 3.17 11.43 13.28
CA SER B 57 4.56 11.38 13.74
C SER B 57 4.79 10.29 14.77
N THR B 58 3.86 9.33 14.90
CA THR B 58 4.02 8.28 15.90
C THR B 58 4.91 7.14 15.41
N ASP B 59 4.89 6.85 14.12
CA ASP B 59 5.65 5.74 13.55
C ASP B 59 6.63 6.27 12.52
N ILE B 60 7.92 6.04 12.75
CA ILE B 60 9.00 6.49 11.88
C ILE B 60 9.83 5.30 11.47
N HIS B 61 10.34 5.34 10.23
CA HIS B 61 11.16 4.26 9.70
C HIS B 61 12.26 4.86 8.82
N TYR B 62 13.46 4.27 8.91
CA TYR B 62 14.60 4.69 8.12
C TYR B 62 15.17 3.48 7.38
N ALA B 63 15.95 3.77 6.34
CA ALA B 63 16.70 2.72 5.67
C ALA B 63 17.91 2.31 6.51
N ASP B 64 18.47 1.15 6.20
CA ASP B 64 19.60 0.65 6.97
C ASP B 64 20.84 1.52 6.77
N SER B 65 21.05 2.00 5.53
CA SER B 65 22.27 2.75 5.24
C SER B 65 22.27 4.11 5.94
N VAL B 66 21.10 4.69 6.20
CA VAL B 66 21.01 6.01 6.80
C VAL B 66 20.59 5.97 8.26
N LYS B 67 20.39 4.78 8.82
CA LYS B 67 19.94 4.69 10.20
C LYS B 67 20.99 5.24 11.15
N GLY B 68 20.52 6.00 12.14
CA GLY B 68 21.41 6.62 13.10
C GLY B 68 22.11 7.87 12.63
N ARG B 69 22.06 8.17 11.33
CA ARG B 69 22.68 9.36 10.77
C ARG B 69 21.67 10.37 10.23
N PHE B 70 20.48 9.92 9.82
CA PHE B 70 19.43 10.80 9.34
C PHE B 70 18.31 10.88 10.37
N THR B 71 17.59 11.98 10.37
CA THR B 71 16.41 12.14 11.23
C THR B 71 15.32 12.85 10.44
N ILE B 72 14.14 12.24 10.40
CA ILE B 72 13.01 12.78 9.66
C ILE B 72 12.06 13.45 10.64
N SER B 73 11.29 14.41 10.14
CA SER B 73 10.33 15.14 10.96
C SER B 73 9.34 15.82 10.03
N ARG B 74 8.21 16.25 10.60
CA ARG B 74 7.19 16.93 9.80
C ARG B 74 6.50 18.00 10.64
N ASP B 75 5.92 18.97 9.94
CA ASP B 75 5.13 20.04 10.54
C ASP B 75 3.83 20.16 9.73
N ASN B 76 2.75 19.58 10.27
CA ASN B 76 1.50 19.54 9.53
C ASN B 76 1.00 20.93 9.19
N ALA B 77 1.09 21.86 10.15
CA ALA B 77 0.53 23.19 9.94
C ALA B 77 1.13 23.86 8.71
N LYS B 78 2.45 23.81 8.56
CA LYS B 78 3.13 24.41 7.44
C LYS B 78 3.33 23.44 6.28
N ALA B 79 2.69 22.27 6.33
CA ALA B 79 2.75 21.28 5.25
C ALA B 79 4.19 21.09 4.77
N SER B 80 5.09 20.80 5.72
CA SER B 80 6.50 20.65 5.42
C SER B 80 7.03 19.36 6.00
N LEU B 81 8.03 18.80 5.32
CA LEU B 81 8.70 17.57 5.74
C LEU B 81 10.19 17.84 5.76
N PHE B 82 10.87 17.43 6.83
CA PHE B 82 12.28 17.72 7.02
C PHE B 82 13.08 16.43 7.13
N LEU B 83 14.25 16.43 6.50
CA LEU B 83 15.22 15.33 6.63
C LEU B 83 16.55 15.94 7.05
N GLN B 84 16.95 15.69 8.30
CA GLN B 84 18.23 16.18 8.83
C GLN B 84 19.28 15.11 8.58
N MET B 85 20.27 15.43 7.75
CA MET B 85 21.31 14.49 7.37
C MET B 85 22.60 14.84 8.13
N ASN B 86 23.06 13.91 8.96
CA ASN B 86 24.30 14.05 9.71
C ASN B 86 25.25 12.93 9.32
N SER B 87 26.54 13.15 9.55
CA SER B 87 27.57 12.15 9.26
C SER B 87 27.49 11.71 7.81
N LEU B 88 27.36 12.67 6.91
CA LEU B 88 27.17 12.37 5.49
C LEU B 88 28.39 11.63 4.94
N ARG B 89 28.15 10.80 3.93
CA ARG B 89 29.17 9.99 3.29
C ARG B 89 29.02 10.11 1.78
N VAL B 90 30.07 9.69 1.06
CA VAL B 90 30.09 9.87 -0.39
C VAL B 90 28.90 9.15 -1.02
N GLU B 91 28.52 7.98 -0.48
CA GLU B 91 27.41 7.22 -1.02
C GLU B 91 26.08 7.95 -0.88
N ASP B 92 25.97 8.93 0.01
CA ASP B 92 24.76 9.71 0.16
C ASP B 92 24.62 10.79 -0.91
N THR B 93 25.48 10.77 -1.91
CA THR B 93 25.38 11.73 -3.01
C THR B 93 24.26 11.33 -3.95
N GLY B 94 23.45 12.29 -4.35
CA GLY B 94 22.37 12.04 -5.29
C GLY B 94 21.25 13.03 -5.11
N VAL B 95 20.21 12.87 -5.94
CA VAL B 95 19.02 13.70 -5.86
C VAL B 95 18.09 13.13 -4.80
N TYR B 96 17.58 14.00 -3.93
CA TYR B 96 16.74 13.61 -2.81
C TYR B 96 15.31 14.09 -3.07
N TYR B 97 14.40 13.14 -3.29
CA TYR B 97 13.00 13.43 -3.58
C TYR B 97 12.14 13.22 -2.35
N CYS B 98 11.06 13.98 -2.26
CA CYS B 98 9.95 13.68 -1.37
C CYS B 98 8.76 13.29 -2.23
N ALA B 99 8.23 12.08 -2.04
CA ALA B 99 7.17 11.55 -2.89
C ALA B 99 6.00 11.08 -2.04
N ARG B 100 4.80 11.49 -2.41
CA ARG B 100 3.60 11.06 -1.68
C ARG B 100 3.32 9.59 -1.96
N ARG B 101 2.72 8.92 -0.97
CA ARG B 101 2.36 7.52 -1.05
C ARG B 101 0.86 7.38 -1.31
N TYR B 102 0.48 6.49 -2.22
CA TYR B 102 -0.93 6.22 -2.44
C TYR B 102 -1.15 4.73 -2.61
N CYS B 103 -2.36 4.29 -2.24
CA CYS B 103 -2.74 2.90 -2.32
C CYS B 103 -3.40 2.64 -3.66
N ARG B 104 -2.85 1.71 -4.43
CA ARG B 104 -3.40 1.33 -5.72
C ARG B 104 -3.41 -0.20 -5.81
N GLY B 105 -4.56 -0.76 -6.13
CA GLY B 105 -4.73 -2.20 -6.06
C GLY B 105 -4.77 -2.66 -4.62
N GLY B 106 -3.81 -3.50 -4.24
CA GLY B 106 -3.78 -4.00 -2.87
C GLY B 106 -2.86 -3.27 -1.91
N THR B 107 -1.81 -2.63 -2.41
CA THR B 107 -0.78 -2.07 -1.55
C THR B 107 -0.78 -0.54 -1.57
N CYS B 108 -0.06 0.02 -0.61
CA CYS B 108 0.29 1.44 -0.61
C CYS B 108 1.80 1.65 -0.75
N TYR B 109 2.55 0.61 -1.11
CA TYR B 109 3.97 0.74 -1.40
C TYR B 109 4.17 1.35 -2.79
N LEU B 110 3.53 2.48 -3.05
CA LEU B 110 3.56 3.11 -4.36
C LEU B 110 3.53 4.61 -4.17
N PHE B 111 4.09 5.34 -5.14
CA PHE B 111 4.26 6.78 -5.03
C PHE B 111 3.41 7.48 -6.08
N ASP B 112 2.63 8.47 -5.64
CA ASP B 112 1.74 9.23 -6.52
C ASP B 112 2.48 10.39 -7.16
N HIS B 113 2.88 11.38 -6.36
CA HIS B 113 3.51 12.58 -6.84
C HIS B 113 4.92 12.71 -6.27
N TRP B 114 5.84 13.16 -7.10
CA TRP B 114 7.22 13.42 -6.71
C TRP B 114 7.53 14.90 -6.85
N GLY B 115 8.51 15.36 -6.09
CA GLY B 115 9.05 16.68 -6.27
C GLY B 115 10.10 16.69 -7.36
N GLN B 116 10.67 17.88 -7.60
CA GLN B 116 11.73 17.98 -8.60
C GLN B 116 13.03 17.39 -8.10
N GLY B 117 13.23 17.36 -6.79
CA GLY B 117 14.43 16.80 -6.22
C GLY B 117 15.52 17.83 -6.02
N THR B 118 16.10 17.86 -4.81
CA THR B 118 17.18 18.79 -4.52
C THR B 118 18.49 18.02 -4.52
N PRO B 119 19.47 18.38 -5.35
CA PRO B 119 20.71 17.61 -5.39
C PRO B 119 21.54 17.78 -4.12
N VAL B 120 22.28 16.71 -3.81
CA VAL B 120 23.15 16.67 -2.63
C VAL B 120 24.48 16.07 -3.06
N ILE B 121 25.56 16.84 -2.93
CA ILE B 121 26.90 16.40 -3.31
C ILE B 121 27.70 16.25 -2.04
N VAL B 122 28.18 15.04 -1.79
CA VAL B 122 29.01 14.71 -0.64
C VAL B 122 30.34 14.24 -1.21
N SER B 123 31.36 15.10 -1.15
CA SER B 123 32.64 14.79 -1.76
C SER B 123 33.67 15.80 -1.27
N SER B 124 34.94 15.40 -1.35
CA SER B 124 36.04 16.30 -1.07
C SER B 124 37.16 16.14 -2.09
N GLY B 125 36.86 15.55 -3.25
CA GLY B 125 37.86 15.32 -4.28
C GLY B 125 37.79 13.92 -4.86
N SER B 144 18.06 -10.54 2.72
CA SER B 144 17.48 -9.56 3.63
C SER B 144 16.45 -8.69 2.92
N ASP B 145 16.91 -7.88 1.97
CA ASP B 145 16.05 -7.02 1.17
C ASP B 145 15.85 -7.65 -0.22
N ILE B 146 14.79 -7.20 -0.89
CA ILE B 146 14.45 -7.72 -2.21
C ILE B 146 15.29 -7.00 -3.25
N GLN B 147 16.13 -7.74 -3.95
CA GLN B 147 16.97 -7.17 -5.00
C GLN B 147 16.24 -7.25 -6.34
N MET B 148 16.05 -6.10 -6.97
CA MET B 148 15.38 -6.02 -8.27
C MET B 148 16.44 -5.87 -9.35
N THR B 149 16.45 -6.81 -10.30
CA THR B 149 17.34 -6.75 -11.45
C THR B 149 16.52 -6.45 -12.69
N GLN B 150 17.16 -5.80 -13.67
CA GLN B 150 16.45 -5.31 -14.85
C GLN B 150 17.29 -5.60 -16.09
N SER B 151 16.60 -5.74 -17.23
CA SER B 151 17.28 -6.04 -18.49
C SER B 151 16.38 -5.66 -19.64
N PRO B 152 16.93 -5.10 -20.74
CA PRO B 152 18.34 -4.74 -20.87
C PRO B 152 18.70 -3.49 -20.08
N SER B 153 19.95 -3.05 -20.19
CA SER B 153 20.36 -1.81 -19.53
C SER B 153 20.00 -0.58 -20.35
N SER B 154 20.06 -0.67 -21.67
CA SER B 154 19.54 0.40 -22.52
C SER B 154 19.20 -0.16 -23.90
N VAL B 155 18.13 0.37 -24.47
CA VAL B 155 17.68 0.07 -25.82
C VAL B 155 17.63 1.37 -26.61
N SER B 156 18.03 1.33 -27.87
CA SER B 156 17.79 2.40 -28.83
C SER B 156 17.00 1.81 -29.99
N ALA B 157 15.91 2.46 -30.36
CA ALA B 157 14.90 1.84 -31.20
C ALA B 157 14.13 2.90 -31.97
N SER B 158 13.69 2.56 -33.17
CA SER B 158 13.01 3.49 -34.04
C SER B 158 11.54 3.61 -33.65
N VAL B 159 10.90 4.67 -34.15
CA VAL B 159 9.47 4.88 -33.91
C VAL B 159 8.67 3.80 -34.62
N GLY B 160 7.69 3.25 -33.91
CA GLY B 160 6.84 2.22 -34.46
C GLY B 160 7.32 0.81 -34.24
N ASP B 161 8.33 0.61 -33.41
CA ASP B 161 8.88 -0.71 -33.15
C ASP B 161 8.26 -1.28 -31.86
N ARG B 162 8.77 -2.44 -31.44
CA ARG B 162 8.29 -3.12 -30.25
C ARG B 162 9.48 -3.41 -29.34
N VAL B 163 9.38 -2.98 -28.08
CA VAL B 163 10.44 -3.17 -27.11
C VAL B 163 9.85 -3.84 -25.87
N THR B 164 10.62 -4.76 -25.28
CA THR B 164 10.20 -5.48 -24.09
C THR B 164 11.32 -5.42 -23.07
N ILE B 165 11.01 -4.90 -21.89
CA ILE B 165 11.94 -4.78 -20.77
C ILE B 165 11.59 -5.85 -19.75
N THR B 166 12.61 -6.47 -19.16
CA THR B 166 12.42 -7.50 -18.16
C THR B 166 12.89 -7.02 -16.79
N CYS B 167 12.27 -7.58 -15.76
CA CYS B 167 12.57 -7.25 -14.37
C CYS B 167 12.42 -8.52 -13.56
N ARG B 168 13.47 -8.87 -12.82
CA ARG B 168 13.49 -10.11 -12.03
C ARG B 168 13.69 -9.77 -10.57
N ALA B 169 12.84 -10.33 -9.71
CA ALA B 169 12.92 -10.14 -8.27
C ALA B 169 13.70 -11.28 -7.63
N SER B 170 14.39 -10.96 -6.54
CA SER B 170 15.13 -11.98 -5.80
C SER B 170 14.24 -12.81 -4.88
N GLN B 171 12.96 -12.44 -4.74
CA GLN B 171 12.03 -13.17 -3.90
C GLN B 171 10.65 -13.11 -4.55
N ALA B 172 9.79 -14.03 -4.14
CA ALA B 172 8.43 -14.07 -4.67
C ALA B 172 7.65 -12.84 -4.21
N ILE B 173 6.95 -12.20 -5.13
CA ILE B 173 6.21 -10.97 -4.82
C ILE B 173 4.86 -10.96 -5.51
N SER B 174 4.42 -12.11 -6.00
CA SER B 174 3.11 -12.26 -6.66
C SER B 174 3.04 -11.24 -7.79
N SER B 175 2.05 -10.35 -7.81
CA SER B 175 1.95 -9.31 -8.82
C SER B 175 2.21 -7.93 -8.24
N TRP B 176 2.83 -7.86 -7.05
CA TRP B 176 3.10 -6.59 -6.39
C TRP B 176 4.34 -5.94 -7.01
N LEU B 177 4.23 -5.63 -8.29
CA LEU B 177 5.32 -5.02 -9.05
C LEU B 177 4.78 -3.86 -9.86
N ALA B 178 5.48 -2.71 -9.80
CA ALA B 178 5.09 -1.52 -10.51
C ALA B 178 6.20 -1.09 -11.46
N TRP B 179 5.83 -0.31 -12.47
CA TRP B 179 6.76 0.28 -13.43
C TRP B 179 6.65 1.79 -13.38
N TYR B 180 7.78 2.47 -13.31
CA TYR B 180 7.82 3.92 -13.29
C TYR B 180 8.54 4.45 -14.52
N GLN B 181 8.02 5.54 -15.08
CA GLN B 181 8.65 6.24 -16.19
C GLN B 181 9.33 7.49 -15.67
N GLN B 182 10.58 7.69 -16.06
CA GLN B 182 11.33 8.90 -15.71
C GLN B 182 11.90 9.49 -16.99
N LYS B 183 11.27 10.55 -17.49
CA LYS B 183 11.83 11.26 -18.63
C LYS B 183 13.00 12.12 -18.17
N PRO B 184 14.00 12.33 -19.04
CA PRO B 184 15.21 13.06 -18.61
C PRO B 184 14.91 14.40 -17.95
N GLY B 185 15.38 14.55 -16.70
CA GLY B 185 15.25 15.78 -15.97
C GLY B 185 14.09 15.82 -15.00
N LYS B 186 13.13 14.92 -15.12
CA LYS B 186 11.93 14.91 -14.30
C LYS B 186 11.94 13.71 -13.36
N ALA B 187 10.99 13.72 -12.43
CA ALA B 187 10.85 12.63 -11.48
C ALA B 187 10.16 11.45 -12.13
N PRO B 188 10.26 10.26 -11.51
CA PRO B 188 9.53 9.10 -12.04
C PRO B 188 8.02 9.30 -11.96
N LYS B 189 7.31 8.54 -12.80
CA LYS B 189 5.86 8.55 -12.83
C LYS B 189 5.37 7.12 -12.98
N LEU B 190 4.43 6.71 -12.13
CA LEU B 190 3.94 5.35 -12.15
C LEU B 190 3.05 5.12 -13.37
N LEU B 191 3.39 4.08 -14.15
CA LEU B 191 2.60 3.69 -15.31
C LEU B 191 1.77 2.43 -15.07
N ILE B 192 2.35 1.44 -14.41
CA ILE B 192 1.70 0.15 -14.19
C ILE B 192 1.79 -0.20 -12.71
N TYR B 193 0.71 -0.76 -12.18
CA TYR B 193 0.69 -1.35 -10.85
C TYR B 193 0.03 -2.72 -10.95
N GLY B 194 0.28 -3.56 -9.94
CA GLY B 194 -0.20 -4.93 -10.02
C GLY B 194 0.40 -5.71 -11.16
N ALA B 195 1.52 -5.25 -11.72
CA ALA B 195 2.26 -5.96 -12.75
C ALA B 195 1.65 -5.77 -14.13
N SER B 196 0.33 -5.60 -14.22
CA SER B 196 -0.32 -5.55 -15.52
C SER B 196 -1.45 -4.53 -15.63
N SER B 197 -1.65 -3.68 -14.62
CA SER B 197 -2.74 -2.72 -14.63
C SER B 197 -2.23 -1.32 -14.97
N LEU B 198 -2.91 -0.65 -15.90
CA LEU B 198 -2.50 0.68 -16.36
C LEU B 198 -3.15 1.76 -15.49
N GLU B 199 -2.37 2.73 -15.09
CA GLU B 199 -2.88 3.87 -14.35
C GLU B 199 -3.68 4.78 -15.29
N SER B 200 -4.47 5.67 -14.68
CA SER B 200 -5.29 6.58 -15.46
C SER B 200 -4.44 7.39 -16.43
N GLY B 201 -4.83 7.35 -17.72
CA GLY B 201 -4.19 8.15 -18.73
C GLY B 201 -3.08 7.46 -19.51
N VAL B 202 -2.52 6.38 -18.97
CA VAL B 202 -1.42 5.70 -19.67
C VAL B 202 -1.92 5.15 -20.99
N PRO B 203 -1.23 5.37 -22.11
CA PRO B 203 -1.73 4.89 -23.40
C PRO B 203 -1.83 3.37 -23.44
N SER B 204 -2.48 2.88 -24.50
CA SER B 204 -2.76 1.45 -24.62
C SER B 204 -1.53 0.64 -25.01
N ARG B 205 -0.59 1.25 -25.72
CA ARG B 205 0.60 0.54 -26.17
C ARG B 205 1.41 -0.04 -25.02
N PHE B 206 1.19 0.44 -23.80
CA PHE B 206 1.94 -0.04 -22.63
C PHE B 206 1.28 -1.29 -22.09
N SER B 207 2.06 -2.37 -21.97
CA SER B 207 1.56 -3.66 -21.49
C SER B 207 2.45 -4.15 -20.37
N GLY B 208 1.82 -4.73 -19.34
CA GLY B 208 2.54 -5.33 -18.23
C GLY B 208 2.17 -6.79 -18.09
N SER B 209 3.11 -7.59 -17.60
CA SER B 209 2.91 -9.03 -17.51
C SER B 209 3.89 -9.62 -16.51
N GLY B 210 3.50 -10.73 -15.91
CA GLY B 210 4.37 -11.50 -15.04
C GLY B 210 3.74 -11.78 -13.69
N SER B 211 4.46 -12.59 -12.92
CA SER B 211 4.06 -12.96 -11.57
C SER B 211 5.17 -13.78 -10.94
N GLY B 212 5.27 -13.76 -9.62
CA GLY B 212 6.26 -14.54 -8.91
C GLY B 212 7.59 -13.85 -8.80
N THR B 213 8.46 -14.04 -9.80
CA THR B 213 9.79 -13.44 -9.79
C THR B 213 10.19 -12.78 -11.10
N ASP B 214 9.59 -13.14 -12.23
CA ASP B 214 9.95 -12.59 -13.53
C ASP B 214 8.78 -11.76 -14.06
N PHE B 215 9.07 -10.53 -14.47
CA PHE B 215 8.06 -9.61 -14.98
C PHE B 215 8.55 -8.97 -16.26
N THR B 216 7.64 -8.30 -16.96
CA THR B 216 7.97 -7.74 -18.26
C THR B 216 7.09 -6.54 -18.55
N LEU B 217 7.68 -5.53 -19.17
CA LEU B 217 6.97 -4.36 -19.69
C LEU B 217 7.16 -4.32 -21.20
N THR B 218 6.09 -4.01 -21.91
CA THR B 218 6.11 -4.03 -23.37
C THR B 218 5.43 -2.77 -23.91
N ILE B 219 6.05 -2.15 -24.90
CA ILE B 219 5.48 -1.04 -25.65
C ILE B 219 5.34 -1.51 -27.09
N ASN B 220 4.10 -1.76 -27.52
CA ASN B 220 3.88 -2.37 -28.82
C ASN B 220 4.32 -1.46 -29.95
N SER B 221 3.98 -0.17 -29.87
CA SER B 221 4.35 0.81 -30.89
C SER B 221 5.05 1.97 -30.19
N LEU B 222 6.34 2.16 -30.48
CA LEU B 222 7.12 3.20 -29.81
C LEU B 222 6.82 4.56 -30.46
N GLN B 223 6.26 5.47 -29.68
CA GLN B 223 6.09 6.86 -30.06
C GLN B 223 7.23 7.70 -29.50
N PRO B 224 7.47 8.89 -30.07
CA PRO B 224 8.64 9.67 -29.61
C PRO B 224 8.61 10.02 -28.14
N GLU B 225 7.42 10.18 -27.55
CA GLU B 225 7.33 10.58 -26.15
C GLU B 225 7.76 9.47 -25.19
N ASP B 226 7.86 8.23 -25.65
CA ASP B 226 8.26 7.13 -24.78
C ASP B 226 9.74 7.16 -24.43
N PHE B 227 10.51 8.07 -25.04
CA PHE B 227 11.91 8.27 -24.70
C PHE B 227 12.07 8.55 -23.22
N ALA B 228 12.69 7.61 -22.48
CA ALA B 228 12.89 7.79 -21.05
C ALA B 228 13.58 6.58 -20.42
N THR B 229 13.67 6.58 -19.09
CA THR B 229 14.22 5.47 -18.32
C THR B 229 13.08 4.85 -17.52
N TYR B 230 12.96 3.52 -17.56
CA TYR B 230 11.87 2.81 -16.91
C TYR B 230 12.42 1.97 -15.76
N TYR B 231 11.88 2.19 -14.57
CA TYR B 231 12.27 1.47 -13.37
C TYR B 231 11.14 0.58 -12.88
N CYS B 232 11.46 -0.66 -12.51
CA CYS B 232 10.50 -1.53 -11.86
C CYS B 232 10.67 -1.42 -10.35
N GLN B 233 9.58 -1.66 -9.63
CA GLN B 233 9.56 -1.54 -8.18
C GLN B 233 8.65 -2.60 -7.60
N GLN B 234 9.17 -3.34 -6.61
CA GLN B 234 8.35 -4.32 -5.90
C GLN B 234 7.57 -3.59 -4.81
N ALA B 235 6.24 -3.75 -4.82
CA ALA B 235 5.37 -3.17 -3.82
C ALA B 235 4.84 -4.24 -2.86
N ALA B 236 5.63 -5.28 -2.63
CA ALA B 236 5.18 -6.43 -1.85
C ALA B 236 5.47 -6.26 -0.36
N ARG B 237 6.73 -5.98 0.00
CA ARG B 237 7.12 -5.99 1.40
C ARG B 237 8.16 -4.91 1.66
N PHE B 238 8.17 -4.42 2.90
CA PHE B 238 9.17 -3.46 3.33
C PHE B 238 10.56 -4.09 3.28
N PRO B 239 11.59 -3.35 2.85
CA PRO B 239 11.52 -1.97 2.36
C PRO B 239 11.25 -1.90 0.87
N ILE B 240 10.64 -0.80 0.42
CA ILE B 240 10.40 -0.56 -1.00
C ILE B 240 11.72 -0.72 -1.73
N THR B 241 11.67 -1.22 -2.97
CA THR B 241 12.90 -1.42 -3.73
C THR B 241 12.61 -1.27 -5.23
N PHE B 242 13.57 -0.66 -5.92
CA PHE B 242 13.50 -0.43 -7.36
C PHE B 242 14.60 -1.21 -8.07
N GLY B 243 14.52 -1.22 -9.39
CA GLY B 243 15.58 -1.75 -10.23
C GLY B 243 16.49 -0.64 -10.72
N GLN B 244 17.58 -1.06 -11.37
CA GLN B 244 18.56 -0.11 -11.88
C GLN B 244 18.09 0.61 -13.14
N GLY B 245 16.91 0.29 -13.65
CA GLY B 245 16.32 1.01 -14.74
C GLY B 245 16.82 0.55 -16.11
N THR B 246 16.03 0.88 -17.13
CA THR B 246 16.36 0.60 -18.52
C THR B 246 16.14 1.87 -19.33
N ARG B 247 17.20 2.38 -19.94
CA ARG B 247 17.09 3.58 -20.76
C ARG B 247 16.53 3.22 -22.13
N LEU B 248 15.50 3.93 -22.56
CA LEU B 248 14.90 3.73 -23.87
C LEU B 248 15.10 4.99 -24.68
N GLU B 249 15.71 4.85 -25.86
CA GLU B 249 16.05 6.00 -26.70
C GLU B 249 15.50 5.83 -28.10
N ILE B 250 14.76 6.82 -28.55
CA ILE B 250 14.09 6.78 -29.84
C ILE B 250 15.00 7.43 -30.88
N LYS B 251 15.24 6.73 -31.98
CA LYS B 251 16.10 7.24 -33.03
C LYS B 251 15.28 7.84 -34.16
#